data_2A2C
#
_entry.id   2A2C
#
_cell.length_a   123.800
_cell.length_b   123.800
_cell.length_c   60.100
_cell.angle_alpha   90.00
_cell.angle_beta   90.00
_cell.angle_gamma   120.00
#
_symmetry.space_group_name_H-M   'P 65'
#
loop_
_entity.id
_entity.type
_entity.pdbx_description
1 polymer 'N-acetylgalactosamine kinase'
2 non-polymer 2-acetamido-2-deoxy-1-O-phosphono-alpha-D-galactopyranose
3 non-polymer 'MAGNESIUM ION'
4 non-polymer 'CHLORIDE ION'
5 non-polymer 'SODIUM ION'
6 non-polymer "ADENOSINE-5'-DIPHOSPHATE"
7 water water
#
_entity_poly.entity_id   1
_entity_poly.type   'polypeptide(L)'
_entity_poly.pdbx_seq_one_letter_code
;MGSSHHHHHHSSENLYFQGHMATESPATRRVQVAEHPRLLKLKEMFNSKFGSIPKFYVRAPGRVNIIGEHIDYCGYSVLP
MAVEQDVLIAVEPVKTYALQLANTNPLYPDFSTSANNIQIDKTKPLWHNYFLCGLKGIQEHFGLSNLTGMNCLVDGNIPP
SSGLSSSSALVCCAGLVTLTVLGRNLSKVELAEICAKSERYIGTEGGGMDQSISFLAEEGTAKLIEFSPLRATDVKLPSG
AVFVIANSCVEMNKAATSHFNIRVMECRLAAKLLAKYKSLQWDKVLRLEEVQAKLGISLEEMLLVTEDALHPEPYNPEEI
CRCLGISLEELRTQILSPNTQDVLIFKLYQRAKHVYSEAARVLQFKKICEEAPENMVQLLGELMNQSHMSCRDMYECSCP
ELDQLVDICRKFGAQGSRLTGAGWGGCTVSMVPADKLPSFLANVHKAYYQRSDGSLAPEKQSLFATKPGGGALVLLEA
;
_entity_poly.pdbx_strand_id   A
#
loop_
_chem_comp.id
_chem_comp.type
_chem_comp.name
_chem_comp.formula
ADP non-polymer ADENOSINE-5'-DIPHOSPHATE 'C10 H15 N5 O10 P2'
CL non-polymer 'CHLORIDE ION' 'Cl -1'
MG non-polymer 'MAGNESIUM ION' 'Mg 2'
NA non-polymer 'SODIUM ION' 'Na 1'
NG1 D-saccharide 2-acetamido-2-deoxy-1-O-phosphono-alpha-D-galactopyranose 'C8 H16 N O9 P'
#
# COMPACT_ATOMS: atom_id res chain seq x y z
N ALA A 22 5.17 -19.36 -3.03
CA ALA A 22 6.06 -20.44 -3.35
C ALA A 22 7.38 -19.83 -3.73
N THR A 23 7.89 -20.43 -4.77
CA THR A 23 9.09 -19.95 -5.35
C THR A 23 8.77 -19.37 -6.72
N GLU A 24 7.50 -19.41 -7.10
CA GLU A 24 7.11 -18.89 -8.40
C GLU A 24 7.51 -17.42 -8.59
N SER A 25 8.00 -17.15 -9.82
CA SER A 25 8.48 -15.87 -10.31
C SER A 25 7.42 -15.23 -11.15
N PRO A 26 7.60 -13.93 -11.40
CA PRO A 26 6.65 -13.24 -12.22
C PRO A 26 6.71 -13.80 -13.60
N ALA A 27 5.53 -13.99 -14.14
CA ALA A 27 5.39 -14.54 -15.47
C ALA A 27 5.84 -13.57 -16.55
N THR A 28 6.16 -14.17 -17.70
CA THR A 28 6.54 -13.42 -18.87
C THR A 28 5.49 -13.73 -19.90
N ARG A 29 4.77 -12.72 -20.39
CA ARG A 29 3.70 -12.91 -21.37
C ARG A 29 3.89 -12.13 -22.71
N ARG A 30 3.45 -12.73 -23.85
CA ARG A 30 3.51 -12.22 -25.24
C ARG A 30 2.29 -11.34 -25.50
N VAL A 31 2.45 -10.12 -25.99
CA VAL A 31 1.23 -9.36 -26.24
C VAL A 31 1.27 -8.75 -27.62
N GLN A 32 0.14 -8.33 -28.12
CA GLN A 32 0.23 -7.72 -29.41
C GLN A 32 0.03 -6.25 -29.13
N VAL A 33 1.14 -5.55 -29.20
CA VAL A 33 1.24 -4.13 -28.92
C VAL A 33 0.08 -3.34 -29.52
N ALA A 34 -0.22 -3.73 -30.78
CA ALA A 34 -1.28 -3.15 -31.59
C ALA A 34 -2.61 -3.16 -30.84
N GLU A 35 -2.85 -4.25 -30.06
CA GLU A 35 -4.10 -4.37 -29.35
C GLU A 35 -4.12 -3.55 -28.05
N HIS A 36 -2.98 -2.98 -27.72
CA HIS A 36 -3.03 -2.26 -26.52
C HIS A 36 -2.59 -0.89 -26.73
N PRO A 37 -3.57 -0.07 -26.86
CA PRO A 37 -3.29 1.33 -27.08
C PRO A 37 -2.13 1.82 -26.22
N ARG A 38 -2.09 1.32 -24.99
CA ARG A 38 -1.07 1.80 -24.12
C ARG A 38 0.34 1.42 -24.47
N LEU A 39 0.53 0.18 -24.84
CA LEU A 39 1.87 -0.26 -25.16
C LEU A 39 2.29 0.31 -26.45
N LEU A 40 1.30 0.47 -27.36
CA LEU A 40 1.62 0.99 -28.69
C LEU A 40 2.22 2.33 -28.55
N LYS A 41 1.48 3.09 -27.79
CA LYS A 41 1.83 4.42 -27.46
C LYS A 41 3.20 4.46 -26.79
N LEU A 42 3.37 3.56 -25.81
CA LEU A 42 4.64 3.47 -25.12
C LEU A 42 5.77 3.21 -26.13
N LYS A 43 5.52 2.24 -27.01
CA LYS A 43 6.46 1.82 -28.03
C LYS A 43 6.91 2.96 -28.92
N GLU A 44 5.91 3.63 -29.44
CA GLU A 44 6.21 4.74 -30.30
C GLU A 44 6.87 5.89 -29.62
N MET A 45 6.41 6.26 -28.42
CA MET A 45 7.06 7.35 -27.70
C MET A 45 8.48 6.98 -27.30
N PHE A 46 8.74 5.70 -27.00
CA PHE A 46 10.07 5.25 -26.60
C PHE A 46 11.05 5.37 -27.74
N ASN A 47 10.59 4.97 -28.89
CA ASN A 47 11.44 5.05 -30.03
C ASN A 47 11.81 6.50 -30.34
N SER A 48 10.81 7.35 -30.27
CA SER A 48 11.06 8.75 -30.52
C SER A 48 11.99 9.40 -29.48
N LYS A 49 11.88 8.87 -28.27
CA LYS A 49 12.63 9.35 -27.14
C LYS A 49 14.02 8.77 -27.14
N PHE A 50 14.17 7.49 -27.47
CA PHE A 50 15.48 6.95 -27.42
C PHE A 50 16.01 6.53 -28.77
N GLY A 51 15.23 6.56 -29.82
CA GLY A 51 15.83 6.14 -31.08
C GLY A 51 15.83 4.66 -31.33
N SER A 52 15.28 3.91 -30.41
CA SER A 52 15.23 2.50 -30.62
C SER A 52 13.97 1.94 -30.00
N ILE A 53 13.51 0.79 -30.50
CA ILE A 53 12.30 0.26 -29.87
C ILE A 53 12.64 -0.45 -28.55
N PRO A 54 11.68 -0.54 -27.63
CA PRO A 54 11.97 -1.22 -26.36
C PRO A 54 12.22 -2.72 -26.56
N LYS A 55 12.98 -3.30 -25.70
CA LYS A 55 13.26 -4.71 -25.80
C LYS A 55 12.15 -5.48 -25.08
N PHE A 56 11.61 -4.84 -24.04
CA PHE A 56 10.55 -5.50 -23.28
C PHE A 56 9.86 -4.45 -22.42
N TYR A 57 8.77 -4.90 -21.82
CA TYR A 57 7.98 -4.03 -20.95
C TYR A 57 7.67 -4.77 -19.68
N VAL A 58 7.35 -3.98 -18.65
CA VAL A 58 6.99 -4.55 -17.35
C VAL A 58 5.78 -3.79 -16.84
N ARG A 59 4.86 -4.53 -16.23
CA ARG A 59 3.69 -3.92 -15.62
C ARG A 59 3.57 -4.34 -14.13
N ALA A 60 3.20 -3.42 -13.24
CA ALA A 60 2.98 -3.72 -11.84
C ALA A 60 1.71 -2.95 -11.47
N PRO A 61 0.65 -3.63 -10.98
CA PRO A 61 -0.59 -2.91 -10.70
C PRO A 61 -0.62 -2.22 -9.34
N GLY A 62 -1.58 -1.30 -9.25
CA GLY A 62 -1.90 -0.62 -8.00
C GLY A 62 -2.93 -1.55 -7.30
N ARG A 63 -3.58 -1.12 -6.24
CA ARG A 63 -4.49 -2.00 -5.54
C ARG A 63 -5.48 -1.23 -4.67
N VAL A 64 -6.57 -1.91 -4.33
CA VAL A 64 -7.54 -1.36 -3.43
C VAL A 64 -7.56 -2.28 -2.19
N ASN A 65 -7.47 -1.70 -0.99
CA ASN A 65 -7.48 -2.50 0.19
C ASN A 65 -8.94 -2.63 0.60
N ILE A 66 -9.49 -3.84 0.59
CA ILE A 66 -10.89 -4.00 0.96
C ILE A 66 -11.14 -3.67 2.44
N ILE A 67 -10.26 -4.17 3.30
CA ILE A 67 -10.40 -3.90 4.71
C ILE A 67 -9.09 -4.27 5.39
N GLY A 68 -8.75 -3.57 6.48
CA GLY A 68 -7.51 -3.83 7.20
C GLY A 68 -6.55 -2.69 7.02
N GLU A 69 -7.01 -1.50 7.41
CA GLU A 69 -6.22 -0.31 7.23
C GLU A 69 -5.27 0.01 8.35
N HIS A 70 -4.04 0.40 8.00
CA HIS A 70 -3.01 0.84 8.94
C HIS A 70 -2.58 -0.26 9.89
N ILE A 71 -2.61 -1.49 9.42
CA ILE A 71 -2.19 -2.59 10.29
C ILE A 71 -1.06 -3.47 9.72
N ASP A 72 -0.80 -3.35 8.42
CA ASP A 72 0.27 -4.18 7.88
C ASP A 72 1.58 -3.89 8.60
N TYR A 73 1.93 -2.60 8.78
CA TYR A 73 3.16 -2.26 9.47
C TYR A 73 3.13 -2.66 10.93
N CYS A 74 1.93 -3.03 11.42
CA CYS A 74 1.77 -3.50 12.82
C CYS A 74 1.93 -5.00 12.89
N GLY A 75 2.10 -5.57 11.70
CA GLY A 75 2.28 -7.00 11.50
C GLY A 75 0.98 -7.76 11.26
N TYR A 76 -0.14 -7.09 11.08
CA TYR A 76 -1.36 -7.85 10.89
C TYR A 76 -1.76 -8.07 9.42
N SER A 77 -2.53 -9.14 9.19
CA SER A 77 -3.03 -9.53 7.89
C SER A 77 -4.04 -8.54 7.36
N VAL A 78 -3.98 -8.34 6.04
CA VAL A 78 -4.81 -7.40 5.30
C VAL A 78 -5.49 -8.07 4.12
N LEU A 79 -6.46 -7.37 3.56
CA LEU A 79 -7.24 -7.92 2.50
C LEU A 79 -7.45 -7.03 1.26
N PRO A 80 -6.42 -6.89 0.48
CA PRO A 80 -6.46 -6.08 -0.74
C PRO A 80 -6.68 -6.94 -1.99
N MET A 81 -6.86 -6.25 -3.11
CA MET A 81 -6.91 -6.91 -4.40
C MET A 81 -6.28 -5.94 -5.42
N ALA A 82 -5.65 -6.49 -6.47
CA ALA A 82 -5.05 -5.59 -7.43
C ALA A 82 -6.15 -4.97 -8.27
N VAL A 83 -5.90 -3.74 -8.67
CA VAL A 83 -6.85 -3.08 -9.57
C VAL A 83 -6.25 -3.18 -10.96
N GLU A 84 -7.01 -2.75 -11.96
CA GLU A 84 -6.52 -2.84 -13.35
C GLU A 84 -5.42 -1.81 -13.68
N GLN A 85 -5.56 -0.66 -13.06
CA GLN A 85 -4.62 0.43 -13.28
C GLN A 85 -3.23 -0.01 -12.79
N ASP A 86 -2.20 0.44 -13.52
CA ASP A 86 -0.89 0.02 -13.16
C ASP A 86 0.18 1.01 -13.62
N VAL A 87 1.41 0.58 -13.38
CA VAL A 87 2.58 1.31 -13.87
C VAL A 87 3.18 0.40 -14.94
N LEU A 88 3.28 0.94 -16.15
CA LEU A 88 3.83 0.18 -17.25
C LEU A 88 5.16 0.83 -17.66
N ILE A 89 6.25 0.05 -17.80
CA ILE A 89 7.56 0.59 -18.18
C ILE A 89 8.15 -0.14 -19.43
N ALA A 90 8.48 0.65 -20.46
CA ALA A 90 9.13 0.15 -21.67
C ALA A 90 10.64 0.21 -21.39
N VAL A 91 11.37 -0.88 -21.68
CA VAL A 91 12.78 -0.92 -21.34
C VAL A 91 13.68 -1.39 -22.48
N GLU A 92 14.88 -0.87 -22.43
CA GLU A 92 15.95 -1.21 -23.35
C GLU A 92 17.27 -1.18 -22.56
N PRO A 93 17.87 -2.35 -22.43
CA PRO A 93 19.13 -2.45 -21.70
C PRO A 93 20.19 -1.76 -22.50
N VAL A 94 21.16 -1.20 -21.86
CA VAL A 94 22.23 -0.53 -22.57
C VAL A 94 23.52 -0.95 -21.93
N LYS A 95 24.60 -0.80 -22.68
CA LYS A 95 25.97 -1.13 -22.25
C LYS A 95 26.65 -0.15 -21.29
N THR A 96 26.27 1.12 -21.40
CA THR A 96 26.81 2.14 -20.52
C THR A 96 26.27 1.84 -19.15
N TYR A 97 26.78 2.53 -18.19
CA TYR A 97 26.23 2.29 -16.89
C TYR A 97 25.43 3.49 -16.57
N ALA A 98 24.56 3.82 -17.49
CA ALA A 98 23.79 4.99 -17.32
C ALA A 98 22.34 4.58 -17.34
N LEU A 99 21.60 5.28 -16.51
CA LEU A 99 20.16 5.08 -16.43
C LEU A 99 19.51 6.36 -16.95
N GLN A 100 18.72 6.22 -18.00
CA GLN A 100 17.95 7.32 -18.52
C GLN A 100 16.47 6.96 -18.33
N LEU A 101 15.77 7.83 -17.60
CA LEU A 101 14.36 7.64 -17.29
C LEU A 101 13.51 8.73 -17.88
N ALA A 102 12.39 8.34 -18.43
CA ALA A 102 11.46 9.32 -18.96
C ALA A 102 10.03 8.90 -18.59
N ASN A 103 9.09 9.82 -18.72
CA ASN A 103 7.68 9.56 -18.41
C ASN A 103 6.77 10.04 -19.52
N THR A 104 5.66 9.35 -19.74
CA THR A 104 4.75 9.81 -20.78
C THR A 104 4.03 11.08 -20.35
N ASN A 105 4.03 11.37 -19.05
CA ASN A 105 3.37 12.52 -18.47
C ASN A 105 4.41 13.57 -18.12
N PRO A 106 4.33 14.69 -18.81
CA PRO A 106 5.26 15.79 -18.67
C PRO A 106 5.36 16.32 -17.28
N LEU A 107 4.37 15.99 -16.47
CA LEU A 107 4.41 16.41 -15.09
C LEU A 107 5.63 15.83 -14.39
N TYR A 108 6.16 14.73 -14.96
CA TYR A 108 7.29 14.02 -14.40
C TYR A 108 8.52 14.11 -15.30
N PRO A 109 9.40 15.05 -14.96
CA PRO A 109 10.60 15.31 -15.76
C PRO A 109 11.60 14.18 -15.93
N ASP A 110 12.23 14.22 -17.10
CA ASP A 110 13.23 13.24 -17.41
C ASP A 110 14.33 13.35 -16.38
N PHE A 111 15.01 12.28 -16.20
CA PHE A 111 16.10 12.22 -15.27
C PHE A 111 17.12 11.17 -15.75
N SER A 112 18.39 11.44 -15.46
CA SER A 112 19.52 10.57 -15.82
C SER A 112 20.48 10.50 -14.68
N THR A 113 21.08 9.36 -14.54
CA THR A 113 22.08 9.13 -13.54
C THR A 113 23.03 8.00 -14.00
N SER A 114 24.24 8.06 -13.45
CA SER A 114 25.30 7.10 -13.72
C SER A 114 25.90 6.72 -12.39
N ALA A 115 25.26 7.15 -11.33
CA ALA A 115 25.73 6.91 -9.95
C ALA A 115 26.01 5.47 -9.55
N ASN A 116 27.13 5.26 -8.87
CA ASN A 116 27.53 3.93 -8.43
C ASN A 116 26.81 3.52 -7.21
N ASN A 117 26.62 4.46 -6.30
CA ASN A 117 25.94 4.12 -5.07
C ASN A 117 24.48 3.79 -5.31
N ILE A 120 19.12 7.72 -2.00
CA ILE A 120 17.91 8.50 -2.15
C ILE A 120 17.92 9.74 -1.26
N ASP A 121 17.81 10.88 -1.96
CA ASP A 121 17.82 12.21 -1.35
C ASP A 121 17.06 12.32 -0.07
N LYS A 122 15.76 11.98 -0.18
CA LYS A 122 14.91 12.03 0.97
C LYS A 122 15.31 13.24 1.77
N THR A 123 15.01 14.32 1.08
CA THR A 123 15.16 15.70 1.46
C THR A 123 13.93 16.32 0.78
N LYS A 124 13.54 15.65 -0.35
CA LYS A 124 12.46 15.98 -1.29
C LYS A 124 12.00 14.80 -2.18
N PRO A 125 10.69 14.40 -2.18
CA PRO A 125 10.23 13.23 -2.97
C PRO A 125 10.04 13.31 -4.49
N LEU A 126 11.13 13.45 -5.29
CA LEU A 126 11.00 13.49 -6.76
C LEU A 126 10.53 12.15 -7.32
N TRP A 127 9.71 12.17 -8.35
CA TRP A 127 9.21 10.90 -8.86
C TRP A 127 10.27 9.84 -9.18
N HIS A 128 11.39 10.21 -9.81
CA HIS A 128 12.35 9.19 -10.15
C HIS A 128 12.95 8.48 -8.98
N ASN A 129 12.88 9.07 -7.79
CA ASN A 129 13.47 8.38 -6.64
C ASN A 129 12.68 7.10 -6.31
N TYR A 130 11.40 7.07 -6.67
CA TYR A 130 10.67 5.83 -6.40
C TYR A 130 11.22 4.74 -7.30
N PHE A 131 11.54 5.12 -8.55
CA PHE A 131 12.12 4.17 -9.50
C PHE A 131 13.46 3.67 -8.94
N LEU A 132 14.26 4.62 -8.43
CA LEU A 132 15.56 4.31 -7.83
C LEU A 132 15.42 3.44 -6.61
N CYS A 133 14.36 3.60 -5.81
CA CYS A 133 14.22 2.72 -4.67
C CYS A 133 14.14 1.29 -5.16
N GLY A 134 13.32 1.12 -6.17
CA GLY A 134 13.12 -0.21 -6.73
C GLY A 134 14.42 -0.81 -7.30
N LEU A 135 15.13 0.00 -8.09
CA LEU A 135 16.40 -0.43 -8.69
C LEU A 135 17.42 -0.76 -7.58
N LYS A 136 17.49 0.11 -6.60
CA LYS A 136 18.42 -0.04 -5.50
C LYS A 136 18.22 -1.32 -4.70
N GLY A 137 16.95 -1.65 -4.42
CA GLY A 137 16.64 -2.86 -3.67
C GLY A 137 17.17 -4.11 -4.35
N ILE A 138 16.99 -4.14 -5.64
CA ILE A 138 17.42 -5.28 -6.42
C ILE A 138 18.94 -5.38 -6.49
N GLN A 139 19.58 -4.25 -6.88
CA GLN A 139 21.04 -4.25 -6.98
C GLN A 139 21.65 -4.66 -5.65
N GLU A 140 21.20 -4.05 -4.55
CA GLU A 140 21.75 -4.41 -3.26
C GLU A 140 21.52 -5.83 -2.84
N HIS A 141 20.37 -6.37 -3.23
CA HIS A 141 20.02 -7.75 -2.90
C HIS A 141 21.09 -8.65 -3.45
N PHE A 142 21.59 -8.30 -4.62
CA PHE A 142 22.64 -9.11 -5.23
C PHE A 142 24.04 -8.57 -4.92
N GLY A 143 24.15 -7.64 -3.97
CA GLY A 143 25.47 -7.09 -3.61
C GLY A 143 26.21 -6.39 -4.76
N LEU A 144 25.45 -5.88 -5.76
CA LEU A 144 25.98 -5.19 -6.92
C LEU A 144 26.23 -3.74 -6.59
N SER A 145 27.41 -3.23 -7.02
CA SER A 145 27.77 -1.83 -6.75
C SER A 145 27.45 -0.92 -7.91
N ASN A 146 27.69 -1.43 -9.12
CA ASN A 146 27.50 -0.73 -10.36
C ASN A 146 26.05 -0.52 -10.79
N LEU A 147 25.77 0.59 -11.47
CA LEU A 147 24.44 0.90 -11.95
C LEU A 147 24.07 0.02 -13.14
N THR A 148 22.83 -0.53 -13.10
CA THR A 148 22.27 -1.37 -14.16
C THR A 148 21.93 -0.44 -15.32
N GLY A 149 22.65 -0.54 -16.42
CA GLY A 149 22.40 0.38 -17.53
C GLY A 149 21.13 0.06 -18.32
N MET A 150 20.35 1.13 -18.58
CA MET A 150 19.10 0.97 -19.32
C MET A 150 18.41 2.27 -19.65
N ASN A 151 17.50 2.21 -20.65
CA ASN A 151 16.66 3.33 -21.00
C ASN A 151 15.22 2.89 -20.64
N CYS A 152 14.48 3.75 -19.92
CA CYS A 152 13.14 3.40 -19.50
C CYS A 152 12.16 4.52 -19.70
N LEU A 153 10.98 4.15 -20.22
CA LEU A 153 9.88 5.12 -20.41
C LEU A 153 8.71 4.63 -19.53
N VAL A 154 8.30 5.50 -18.63
CA VAL A 154 7.27 5.21 -17.64
C VAL A 154 5.88 5.75 -17.97
N ASP A 155 4.87 4.88 -17.83
CA ASP A 155 3.49 5.26 -18.03
C ASP A 155 2.64 4.67 -16.91
N GLY A 156 2.13 5.49 -16.00
CA GLY A 156 1.29 4.90 -14.94
C GLY A 156 -0.10 5.47 -15.09
N ASN A 157 -1.14 4.67 -14.96
CA ASN A 157 -2.49 5.24 -15.06
C ASN A 157 -3.26 5.14 -13.72
N ILE A 158 -2.56 4.95 -12.59
CA ILE A 158 -3.24 4.91 -11.29
C ILE A 158 -3.28 6.35 -10.82
N PRO A 159 -4.40 6.87 -10.35
CA PRO A 159 -4.41 8.28 -9.89
C PRO A 159 -3.40 8.40 -8.78
N PRO A 160 -2.45 9.34 -8.87
CA PRO A 160 -1.40 9.42 -7.84
C PRO A 160 -1.87 10.00 -6.52
N SER A 161 -1.14 9.64 -5.43
CA SER A 161 -1.38 10.13 -4.07
C SER A 161 -2.86 10.02 -3.68
N SER A 162 -3.47 8.89 -4.08
CA SER A 162 -4.90 8.66 -3.85
C SER A 162 -5.26 7.36 -3.10
N GLY A 163 -4.25 6.72 -2.49
CA GLY A 163 -4.43 5.55 -1.67
C GLY A 163 -4.55 4.26 -2.45
N LEU A 164 -4.26 4.34 -3.76
CA LEU A 164 -4.31 3.16 -4.60
C LEU A 164 -2.91 2.60 -4.86
N SER A 165 -1.91 3.02 -4.07
CA SER A 165 -0.52 2.52 -4.15
C SER A 165 0.23 2.80 -5.45
N SER A 166 0.04 3.99 -6.03
CA SER A 166 0.77 4.33 -7.21
C SER A 166 2.28 4.33 -6.90
N SER A 167 2.66 4.74 -5.69
CA SER A 167 4.06 4.76 -5.35
C SER A 167 4.63 3.33 -5.40
N SER A 168 3.88 2.37 -4.86
CA SER A 168 4.36 0.97 -4.82
C SER A 168 4.37 0.31 -6.19
N ALA A 169 3.40 0.67 -6.99
CA ALA A 169 3.35 0.12 -8.32
C ALA A 169 4.63 0.53 -9.03
N LEU A 170 5.08 1.78 -8.78
CA LEU A 170 6.28 2.28 -9.44
C LEU A 170 7.50 1.59 -8.88
N VAL A 171 7.60 1.52 -7.56
CA VAL A 171 8.74 0.83 -6.95
C VAL A 171 8.82 -0.60 -7.45
N CYS A 172 7.69 -1.31 -7.41
CA CYS A 172 7.67 -2.72 -7.81
C CYS A 172 7.99 -2.90 -9.26
N CYS A 173 7.42 -2.07 -10.12
CA CYS A 173 7.69 -2.17 -11.55
C CYS A 173 9.17 -1.94 -11.82
N ALA A 174 9.74 -0.94 -11.14
CA ALA A 174 11.18 -0.62 -11.27
C ALA A 174 12.06 -1.78 -10.82
N GLY A 175 11.66 -2.44 -9.72
CA GLY A 175 12.43 -3.58 -9.20
C GLY A 175 12.40 -4.72 -10.25
N LEU A 176 11.22 -5.03 -10.79
CA LEU A 176 11.06 -6.09 -11.77
C LEU A 176 11.86 -5.82 -13.03
N VAL A 177 11.83 -4.55 -13.43
CA VAL A 177 12.57 -4.08 -14.61
C VAL A 177 14.05 -4.39 -14.35
N THR A 178 14.53 -3.93 -13.20
CA THR A 178 15.94 -4.11 -12.87
C THR A 178 16.34 -5.58 -12.90
N LEU A 179 15.52 -6.42 -12.26
CA LEU A 179 15.78 -7.86 -12.18
C LEU A 179 15.90 -8.46 -13.55
N THR A 180 14.93 -8.07 -14.36
CA THR A 180 14.88 -8.59 -15.69
C THR A 180 16.08 -8.15 -16.52
N VAL A 181 16.47 -6.87 -16.40
CA VAL A 181 17.66 -6.37 -17.11
C VAL A 181 18.90 -7.15 -16.61
N LEU A 182 19.01 -7.40 -15.29
CA LEU A 182 20.13 -8.16 -14.72
C LEU A 182 20.15 -9.62 -15.16
N GLY A 183 19.00 -10.17 -15.55
CA GLY A 183 18.99 -11.55 -15.96
C GLY A 183 19.06 -12.47 -14.76
N ARG A 184 18.70 -11.96 -13.57
CA ARG A 184 18.72 -12.81 -12.38
C ARG A 184 17.33 -13.27 -11.98
N ASN A 185 17.26 -14.23 -11.07
CA ASN A 185 15.97 -14.74 -10.64
C ASN A 185 15.59 -14.42 -9.21
N LEU A 186 14.29 -14.14 -9.03
CA LEU A 186 13.69 -13.90 -7.71
C LEU A 186 12.22 -14.40 -7.70
N SER A 187 11.72 -14.98 -6.59
CA SER A 187 10.35 -15.39 -6.60
C SER A 187 9.46 -14.17 -6.38
N LYS A 188 8.17 -14.30 -6.64
CA LYS A 188 7.27 -13.17 -6.40
C LYS A 188 7.33 -12.78 -4.95
N VAL A 189 7.45 -13.77 -4.06
CA VAL A 189 7.55 -13.45 -2.64
C VAL A 189 8.79 -12.58 -2.28
N GLU A 190 9.96 -13.00 -2.76
CA GLU A 190 11.14 -12.23 -2.44
C GLU A 190 11.07 -10.83 -3.01
N LEU A 191 10.50 -10.71 -4.24
CA LEU A 191 10.35 -9.40 -4.89
C LEU A 191 9.55 -8.47 -3.98
N ALA A 192 8.49 -9.04 -3.48
CA ALA A 192 7.59 -8.31 -2.55
C ALA A 192 8.32 -7.89 -1.30
N GLU A 193 9.07 -8.86 -0.73
CA GLU A 193 9.81 -8.56 0.47
C GLU A 193 10.86 -7.48 0.23
N ILE A 194 11.59 -7.63 -0.86
CA ILE A 194 12.62 -6.64 -1.13
C ILE A 194 12.03 -5.25 -1.39
N CYS A 195 10.97 -5.18 -2.20
CA CYS A 195 10.34 -3.89 -2.52
C CYS A 195 9.70 -3.21 -1.31
N ALA A 196 9.13 -3.99 -0.42
CA ALA A 196 8.55 -3.41 0.75
C ALA A 196 9.68 -2.71 1.54
N LYS A 197 10.89 -3.30 1.62
CA LYS A 197 11.93 -2.62 2.38
C LYS A 197 12.54 -1.44 1.58
N SER A 198 12.69 -1.62 0.28
CA SER A 198 13.33 -0.59 -0.50
C SER A 198 12.53 0.69 -0.63
N GLU A 199 11.19 0.55 -0.64
CA GLU A 199 10.36 1.74 -0.76
C GLU A 199 10.60 2.66 0.41
N ARG A 200 11.00 2.05 1.52
CA ARG A 200 11.29 2.83 2.73
C ARG A 200 12.44 3.83 2.52
N TYR A 201 13.25 3.69 1.51
CA TYR A 201 14.31 4.65 1.27
C TYR A 201 13.71 5.97 0.88
N ILE A 202 12.44 5.98 0.47
CA ILE A 202 11.80 7.27 0.12
C ILE A 202 11.46 8.03 1.40
N GLY A 203 11.51 7.34 2.54
CA GLY A 203 11.27 7.95 3.83
C GLY A 203 10.00 7.52 4.57
N THR A 204 9.13 6.78 3.89
CA THR A 204 7.91 6.30 4.54
C THR A 204 8.27 5.03 5.33
N GLU A 205 7.71 4.84 6.54
CA GLU A 205 7.99 3.62 7.32
C GLU A 205 6.80 2.67 7.24
N GLY A 206 6.26 2.44 6.04
CA GLY A 206 5.08 1.59 5.94
C GLY A 206 5.34 0.10 5.95
N GLY A 207 4.27 -0.64 5.67
CA GLY A 207 4.29 -2.08 5.68
C GLY A 207 4.49 -2.68 4.31
N GLY A 208 4.18 -3.97 4.18
CA GLY A 208 4.40 -4.64 2.89
C GLY A 208 3.13 -4.97 2.16
N MET A 209 2.00 -4.41 2.59
CA MET A 209 0.83 -4.77 1.85
C MET A 209 0.85 -4.48 0.35
N ASP A 210 1.22 -3.25 0.05
CA ASP A 210 1.13 -2.78 -1.31
C ASP A 210 1.96 -3.52 -2.29
N GLN A 211 3.20 -3.76 -1.85
CA GLN A 211 4.16 -4.48 -2.68
C GLN A 211 3.78 -5.97 -2.84
N SER A 212 3.24 -6.52 -1.72
CA SER A 212 2.84 -7.92 -1.70
C SER A 212 1.74 -8.17 -2.69
N ILE A 213 0.70 -7.35 -2.58
CA ILE A 213 -0.41 -7.58 -3.52
C ILE A 213 0.03 -7.30 -4.94
N SER A 214 0.89 -6.27 -5.13
CA SER A 214 1.31 -5.99 -6.52
C SER A 214 1.94 -7.23 -7.19
N PHE A 215 2.82 -7.96 -6.44
CA PHE A 215 3.44 -9.15 -7.03
C PHE A 215 2.60 -10.42 -6.97
N LEU A 216 1.83 -10.55 -5.89
CA LEU A 216 1.08 -11.76 -5.60
C LEU A 216 -0.35 -11.89 -6.07
N ALA A 217 -0.95 -10.79 -6.48
CA ALA A 217 -2.32 -10.84 -6.92
C ALA A 217 -2.57 -11.82 -8.04
N GLU A 218 -3.81 -12.34 -8.05
CA GLU A 218 -4.26 -13.25 -9.08
C GLU A 218 -5.58 -12.77 -9.59
N GLU A 219 -5.76 -12.77 -10.89
CA GLU A 219 -7.04 -12.32 -11.34
C GLU A 219 -8.21 -13.16 -10.81
N GLY A 220 -9.35 -12.51 -10.53
CA GLY A 220 -10.58 -13.16 -10.03
C GLY A 220 -10.69 -13.33 -8.53
N THR A 221 -9.62 -13.10 -7.76
CA THR A 221 -9.69 -13.26 -6.33
C THR A 221 -8.96 -12.16 -5.54
N ALA A 222 -9.44 -11.89 -4.32
CA ALA A 222 -8.74 -10.97 -3.44
C ALA A 222 -7.75 -11.88 -2.67
N LYS A 223 -6.85 -11.30 -1.90
CA LYS A 223 -5.93 -12.11 -1.14
C LYS A 223 -5.88 -11.62 0.27
N LEU A 224 -5.76 -12.56 1.16
CA LEU A 224 -5.55 -12.26 2.56
C LEU A 224 -4.04 -12.25 2.56
N ILE A 225 -3.43 -11.13 2.92
CA ILE A 225 -1.99 -11.11 2.91
C ILE A 225 -1.51 -11.14 4.36
N GLU A 226 -0.71 -12.16 4.69
CA GLU A 226 -0.18 -12.32 6.06
C GLU A 226 1.30 -12.06 6.01
N PHE A 227 1.82 -11.59 7.13
CA PHE A 227 3.23 -11.25 7.14
C PHE A 227 4.05 -12.10 8.07
N SER A 228 5.34 -12.13 7.74
CA SER A 228 6.33 -12.81 8.52
C SER A 228 5.90 -14.19 9.05
N PRO A 229 5.92 -15.18 8.20
CA PRO A 229 6.33 -15.03 6.83
C PRO A 229 5.23 -14.54 5.91
N LEU A 230 5.66 -14.02 4.77
CA LEU A 230 4.73 -13.51 3.77
C LEU A 230 3.99 -14.62 3.11
N ARG A 231 2.65 -14.59 3.16
CA ARG A 231 1.80 -15.58 2.52
C ARG A 231 0.59 -14.86 1.97
N ALA A 232 0.11 -15.32 0.80
CA ALA A 232 -1.09 -14.79 0.16
C ALA A 232 -2.07 -15.92 -0.01
N THR A 233 -3.28 -15.69 0.45
CA THR A 233 -4.36 -16.69 0.40
C THR A 233 -5.61 -16.17 -0.33
N ASP A 234 -6.10 -16.93 -1.30
CA ASP A 234 -7.28 -16.47 -2.03
C ASP A 234 -8.49 -16.21 -1.15
N VAL A 235 -9.23 -15.17 -1.50
CA VAL A 235 -10.44 -14.85 -0.81
C VAL A 235 -11.45 -14.55 -1.89
N LYS A 236 -12.51 -15.32 -1.89
CA LYS A 236 -13.54 -15.17 -2.86
C LYS A 236 -14.54 -14.15 -2.37
N LEU A 237 -14.69 -13.11 -3.20
CA LEU A 237 -15.60 -12.03 -2.91
C LEU A 237 -17.01 -12.39 -3.32
N PRO A 238 -17.95 -11.76 -2.62
CA PRO A 238 -19.36 -11.98 -2.84
C PRO A 238 -19.70 -11.86 -4.27
N SER A 239 -20.45 -12.84 -4.74
CA SER A 239 -20.90 -12.92 -6.12
C SER A 239 -21.95 -11.86 -6.45
N GLY A 240 -22.79 -11.44 -5.51
CA GLY A 240 -23.80 -10.47 -5.93
C GLY A 240 -23.48 -8.98 -5.77
N ALA A 241 -22.25 -8.65 -5.40
CA ALA A 241 -21.96 -7.26 -5.20
C ALA A 241 -20.74 -6.89 -5.99
N VAL A 242 -20.62 -5.60 -6.22
CA VAL A 242 -19.48 -5.08 -6.97
C VAL A 242 -18.77 -4.03 -6.16
N PHE A 243 -17.44 -4.05 -6.26
CA PHE A 243 -16.62 -3.03 -5.61
C PHE A 243 -16.41 -1.80 -6.55
N VAL A 244 -16.56 -0.59 -5.95
CA VAL A 244 -16.41 0.61 -6.74
C VAL A 244 -15.50 1.54 -6.01
N ILE A 245 -14.59 2.10 -6.76
CA ILE A 245 -13.66 3.05 -6.19
C ILE A 245 -14.17 4.45 -6.56
N ALA A 246 -14.12 5.33 -5.59
CA ALA A 246 -14.53 6.72 -5.81
C ALA A 246 -13.47 7.58 -5.17
N ASN A 247 -12.78 8.38 -5.98
CA ASN A 247 -11.72 9.21 -5.41
C ASN A 247 -12.25 10.49 -4.81
N SER A 248 -11.79 10.83 -3.61
CA SER A 248 -12.22 12.10 -2.97
C SER A 248 -11.59 13.27 -3.73
N CYS A 249 -10.48 12.96 -4.44
CA CYS A 249 -9.73 13.93 -5.21
C CYS A 249 -8.88 14.86 -4.36
N VAL A 250 -8.78 14.57 -3.06
CA VAL A 250 -7.92 15.30 -2.15
C VAL A 250 -6.64 14.52 -2.26
N GLU A 251 -5.58 15.12 -2.75
CA GLU A 251 -4.35 14.37 -2.88
C GLU A 251 -3.60 14.37 -1.58
N MET A 252 -2.93 13.25 -1.30
CA MET A 252 -2.14 13.13 -0.10
C MET A 252 -0.85 12.37 -0.45
N ASN A 253 0.31 13.09 -0.43
CA ASN A 253 1.59 12.44 -0.79
C ASN A 253 2.22 11.95 0.49
N LYS A 254 2.21 10.63 0.65
CA LYS A 254 2.71 10.06 1.89
C LYS A 254 4.13 10.42 2.24
N ALA A 255 4.98 10.44 1.24
CA ALA A 255 6.40 10.75 1.49
C ALA A 255 6.66 12.24 1.74
N ALA A 256 5.76 13.11 1.30
CA ALA A 256 6.03 14.50 1.52
C ALA A 256 5.45 15.07 2.78
N THR A 257 4.72 14.28 3.55
CA THR A 257 4.11 14.74 4.80
C THR A 257 4.43 13.79 5.96
N SER A 258 4.16 14.26 7.16
CA SER A 258 4.50 13.47 8.30
C SER A 258 3.39 12.62 8.85
N HIS A 259 2.17 12.90 8.41
CA HIS A 259 1.06 12.13 8.96
C HIS A 259 1.33 10.62 9.09
N PHE A 260 1.69 10.01 7.95
CA PHE A 260 1.87 8.59 7.93
C PHE A 260 2.81 8.09 9.03
N ASN A 261 4.04 8.61 9.01
CA ASN A 261 5.01 8.16 9.99
C ASN A 261 4.63 8.43 11.43
N ILE A 262 3.87 9.49 11.71
CA ILE A 262 3.48 9.72 13.10
C ILE A 262 2.63 8.53 13.60
N ARG A 263 1.73 8.04 12.72
CA ARG A 263 0.90 6.92 13.08
C ARG A 263 1.81 5.70 13.31
N VAL A 264 2.81 5.47 12.46
CA VAL A 264 3.68 4.33 12.65
C VAL A 264 4.36 4.37 14.05
N MET A 265 4.86 5.56 14.35
CA MET A 265 5.52 5.79 15.63
C MET A 265 4.60 5.62 16.84
N GLU A 266 3.38 6.12 16.69
CA GLU A 266 2.39 5.96 17.77
C GLU A 266 2.18 4.48 18.04
N CYS A 267 2.07 3.70 16.99
CA CYS A 267 1.90 2.27 17.11
C CYS A 267 3.15 1.63 17.69
N ARG A 268 4.31 2.09 17.24
CA ARG A 268 5.54 1.51 17.74
C ARG A 268 5.64 1.73 19.22
N LEU A 269 5.37 2.97 19.61
CA LEU A 269 5.45 3.33 21.03
C LEU A 269 4.39 2.60 21.85
N ALA A 270 3.19 2.50 21.28
CA ALA A 270 2.13 1.77 22.01
C ALA A 270 2.60 0.33 22.26
N ALA A 271 3.19 -0.32 21.23
CA ALA A 271 3.63 -1.68 21.36
C ALA A 271 4.66 -1.84 22.50
N LYS A 272 5.60 -0.88 22.52
CA LYS A 272 6.66 -0.89 23.53
C LYS A 272 6.08 -0.78 24.94
N LEU A 273 5.17 0.20 25.15
CA LEU A 273 4.51 0.39 26.45
C LEU A 273 3.68 -0.81 26.86
N LEU A 274 3.00 -1.43 25.89
CA LEU A 274 2.20 -2.60 26.18
C LEU A 274 3.08 -3.75 26.68
N ALA A 275 4.19 -3.94 25.96
CA ALA A 275 5.14 -5.00 26.26
C ALA A 275 5.66 -4.83 27.68
N LYS A 276 6.04 -3.62 27.96
CA LYS A 276 6.55 -3.28 29.27
C LYS A 276 5.52 -3.57 30.34
N TYR A 277 4.31 -3.05 30.15
CA TYR A 277 3.24 -3.29 31.10
C TYR A 277 2.96 -4.78 31.31
N LYS A 278 3.18 -5.61 30.29
CA LYS A 278 2.91 -7.05 30.41
C LYS A 278 4.16 -7.87 30.80
N SER A 279 5.18 -7.08 31.13
CA SER A 279 6.47 -7.52 31.56
C SER A 279 7.33 -8.19 30.53
N LEU A 280 7.13 -7.83 29.27
CA LEU A 280 7.91 -8.41 28.21
C LEU A 280 9.17 -7.61 28.02
N GLN A 281 9.99 -8.08 27.08
CA GLN A 281 11.23 -7.45 26.66
C GLN A 281 10.97 -6.48 25.49
N TRP A 282 10.39 -5.36 25.92
CA TRP A 282 9.95 -4.23 25.10
C TRP A 282 11.02 -3.55 24.24
N ASP A 283 12.25 -3.65 24.69
CA ASP A 283 13.34 -3.04 23.95
C ASP A 283 13.46 -3.60 22.52
N LYS A 284 13.13 -4.88 22.34
CA LYS A 284 13.17 -5.59 21.07
C LYS A 284 11.86 -5.39 20.24
N VAL A 285 10.79 -5.04 20.93
CA VAL A 285 9.50 -4.88 20.32
C VAL A 285 9.36 -3.70 19.40
N LEU A 286 8.84 -4.00 18.23
CA LEU A 286 8.59 -2.95 17.29
C LEU A 286 7.14 -2.84 16.83
N ARG A 287 6.40 -3.94 16.90
CA ARG A 287 5.04 -4.04 16.40
C ARG A 287 3.99 -4.56 17.37
N LEU A 288 2.77 -4.02 17.17
CA LEU A 288 1.60 -4.37 17.97
C LEU A 288 1.30 -5.84 17.91
N GLU A 289 1.47 -6.48 16.75
CA GLU A 289 1.18 -7.89 16.67
C GLU A 289 2.14 -8.75 17.53
N GLU A 290 3.36 -8.30 17.69
CA GLU A 290 4.37 -9.02 18.47
C GLU A 290 3.90 -9.20 19.91
N VAL A 291 3.28 -8.15 20.41
CA VAL A 291 2.81 -8.19 21.78
C VAL A 291 1.77 -9.29 21.94
N GLN A 292 0.81 -9.28 21.02
CA GLN A 292 -0.21 -10.27 21.09
C GLN A 292 0.37 -11.67 21.03
N ALA A 293 1.33 -11.83 20.08
CA ALA A 293 2.01 -13.09 19.80
C ALA A 293 2.76 -13.61 21.00
N LYS A 294 3.51 -12.73 21.60
CA LYS A 294 4.26 -13.03 22.78
C LYS A 294 3.39 -13.43 23.98
N LEU A 295 2.19 -12.84 24.11
CA LEU A 295 1.26 -13.10 25.19
C LEU A 295 0.38 -14.30 24.95
N GLY A 296 0.30 -14.74 23.71
CA GLY A 296 -0.52 -15.88 23.37
C GLY A 296 -2.02 -15.67 23.54
N ILE A 297 -2.45 -14.44 23.54
CA ILE A 297 -3.85 -14.22 23.68
C ILE A 297 -4.54 -13.84 22.34
N SER A 298 -5.85 -13.77 22.36
CA SER A 298 -6.66 -13.41 21.21
C SER A 298 -6.69 -11.90 21.03
N LEU A 299 -7.13 -11.51 19.85
CA LEU A 299 -7.28 -10.11 19.56
C LEU A 299 -8.28 -9.50 20.53
N GLU A 300 -9.36 -10.21 20.80
CA GLU A 300 -10.31 -9.67 21.74
C GLU A 300 -9.65 -9.36 23.05
N GLU A 301 -8.77 -10.28 23.47
CA GLU A 301 -8.06 -10.09 24.72
C GLU A 301 -7.05 -8.94 24.69
N MET A 302 -6.44 -8.74 23.50
CA MET A 302 -5.46 -7.67 23.34
C MET A 302 -6.13 -6.32 23.55
N LEU A 303 -7.43 -6.21 23.20
CA LEU A 303 -8.16 -4.94 23.40
C LEU A 303 -8.29 -4.61 24.89
N LEU A 304 -8.49 -5.66 25.70
CA LEU A 304 -8.59 -5.52 27.15
C LEU A 304 -7.25 -5.13 27.75
N VAL A 305 -6.18 -5.77 27.26
CA VAL A 305 -4.86 -5.42 27.73
C VAL A 305 -4.68 -3.95 27.42
N THR A 306 -5.02 -3.60 26.16
CA THR A 306 -4.84 -2.22 25.78
C THR A 306 -5.58 -1.32 26.73
N GLU A 307 -6.84 -1.67 26.94
CA GLU A 307 -7.64 -0.86 27.84
C GLU A 307 -6.97 -0.67 29.22
N ASP A 308 -6.23 -1.72 29.66
CA ASP A 308 -5.61 -1.60 30.97
C ASP A 308 -4.27 -0.93 30.99
N ALA A 309 -3.53 -1.12 29.94
CA ALA A 309 -2.19 -0.62 29.95
C ALA A 309 -1.95 0.80 29.51
N LEU A 310 -2.80 1.29 28.59
CA LEU A 310 -2.64 2.61 28.01
C LEU A 310 -3.75 3.59 28.36
N HIS A 311 -3.37 4.69 28.98
CA HIS A 311 -4.35 5.74 29.31
C HIS A 311 -4.89 6.42 28.06
N PRO A 312 -6.17 6.80 28.08
CA PRO A 312 -6.77 7.38 26.88
C PRO A 312 -6.28 8.76 26.50
N GLU A 313 -5.94 9.56 27.50
CA GLU A 313 -5.46 10.90 27.24
C GLU A 313 -4.10 10.72 26.60
N PRO A 314 -3.65 11.68 25.80
CA PRO A 314 -2.38 11.49 25.12
C PRO A 314 -1.13 11.41 26.02
N TYR A 315 -0.09 10.80 25.43
CA TYR A 315 1.18 10.65 26.08
C TYR A 315 2.11 11.70 25.50
N ASN A 316 3.03 12.17 26.36
CA ASN A 316 4.04 13.12 25.94
C ASN A 316 5.39 12.41 26.03
N PRO A 317 6.39 12.96 25.35
CA PRO A 317 7.74 12.43 25.26
C PRO A 317 8.40 12.13 26.60
N GLU A 318 8.34 13.11 27.49
CA GLU A 318 8.92 12.91 28.80
C GLU A 318 8.27 11.75 29.54
N GLU A 319 6.94 11.64 29.42
CA GLU A 319 6.19 10.55 30.06
C GLU A 319 6.56 9.20 29.48
N ILE A 320 6.68 9.14 28.18
CA ILE A 320 7.06 7.91 27.52
C ILE A 320 8.45 7.46 27.97
N CYS A 321 9.34 8.46 28.04
CA CYS A 321 10.72 8.29 28.47
C CYS A 321 10.80 7.73 29.89
N ARG A 322 9.98 8.28 30.80
CA ARG A 322 9.89 7.81 32.20
C ARG A 322 9.32 6.39 32.23
N CYS A 323 8.31 6.11 31.38
CA CYS A 323 7.69 4.80 31.35
C CYS A 323 8.66 3.75 30.90
N LEU A 324 9.41 4.05 29.84
CA LEU A 324 10.34 3.06 29.31
C LEU A 324 11.67 2.97 30.00
N GLY A 325 12.01 4.03 30.74
CA GLY A 325 13.27 4.11 31.43
C GLY A 325 14.39 4.43 30.47
N ILE A 326 14.07 5.31 29.55
CA ILE A 326 15.04 5.73 28.59
C ILE A 326 15.11 7.24 28.61
N SER A 327 16.04 7.77 27.80
CA SER A 327 16.30 9.19 27.66
C SER A 327 15.64 9.79 26.44
N LEU A 328 15.37 11.09 26.57
CA LEU A 328 14.75 11.84 25.51
C LEU A 328 15.56 11.71 24.26
N GLU A 329 16.87 11.68 24.40
CA GLU A 329 17.76 11.53 23.27
C GLU A 329 17.61 10.15 22.62
N GLU A 330 17.56 9.08 23.45
CA GLU A 330 17.37 7.71 22.99
C GLU A 330 16.10 7.66 22.13
N LEU A 331 15.01 8.20 22.71
CA LEU A 331 13.69 8.27 22.08
C LEU A 331 13.73 8.92 20.70
N ARG A 332 14.29 10.11 20.71
CA ARG A 332 14.36 10.92 19.52
C ARG A 332 15.21 10.38 18.40
N THR A 333 16.31 9.79 18.78
CA THR A 333 17.24 9.32 17.78
C THR A 333 17.25 7.84 17.63
N GLN A 334 16.87 7.13 18.66
CA GLN A 334 16.91 5.69 18.53
C GLN A 334 15.55 5.07 18.22
N ILE A 335 14.46 5.75 18.57
CA ILE A 335 13.13 5.24 18.33
C ILE A 335 12.39 5.97 17.25
N LEU A 336 12.30 7.29 17.40
CA LEU A 336 11.56 8.01 16.40
C LEU A 336 12.33 8.25 15.16
N SER A 337 11.54 8.40 14.14
CA SER A 337 12.06 8.72 12.84
C SER A 337 12.30 10.23 12.75
N PRO A 338 13.26 10.53 11.96
CA PRO A 338 13.63 11.90 11.72
C PRO A 338 12.41 12.80 11.52
N ASN A 339 11.54 12.42 10.57
CA ASN A 339 10.39 13.28 10.37
C ASN A 339 9.39 13.28 11.54
N THR A 340 9.71 12.57 12.62
CA THR A 340 8.81 12.56 13.74
C THR A 340 9.49 12.94 15.06
N GLN A 341 10.76 13.29 15.04
CA GLN A 341 11.34 13.61 16.35
C GLN A 341 10.76 14.74 17.19
N ASP A 342 9.98 15.62 16.61
CA ASP A 342 9.45 16.69 17.42
C ASP A 342 7.97 16.53 17.73
N VAL A 343 7.48 15.31 17.56
CA VAL A 343 6.08 15.10 17.90
C VAL A 343 5.92 15.19 19.40
N LEU A 344 4.92 15.88 19.88
CA LEU A 344 4.80 16.01 21.31
C LEU A 344 3.55 15.35 21.90
N ILE A 345 2.63 14.94 21.01
CA ILE A 345 1.36 14.30 21.37
C ILE A 345 1.30 12.94 20.72
N PHE A 346 1.28 11.89 21.57
CA PHE A 346 1.22 10.52 21.13
C PHE A 346 -0.07 9.88 21.58
N LYS A 347 -0.93 9.57 20.60
CA LYS A 347 -2.23 8.93 20.87
C LYS A 347 -2.13 7.41 20.88
N LEU A 348 -1.41 6.88 21.87
CA LEU A 348 -1.13 5.44 22.01
C LEU A 348 -2.34 4.59 22.10
N TYR A 349 -3.24 4.98 23.00
CA TYR A 349 -4.47 4.24 23.24
C TYR A 349 -5.34 4.06 21.99
N GLN A 350 -5.66 5.20 21.35
CA GLN A 350 -6.50 5.20 20.16
C GLN A 350 -5.93 4.41 19.00
N ARG A 351 -4.64 4.54 18.77
CA ARG A 351 -4.01 3.83 17.67
C ARG A 351 -4.04 2.31 17.91
N ALA A 352 -3.67 1.91 19.14
CA ALA A 352 -3.68 0.47 19.47
C ALA A 352 -5.12 -0.12 19.33
N LYS A 353 -6.10 0.66 19.86
CA LYS A 353 -7.46 0.19 19.79
C LYS A 353 -7.88 0.06 18.35
N HIS A 354 -7.55 1.03 17.51
CA HIS A 354 -7.93 0.88 16.10
C HIS A 354 -7.29 -0.43 15.52
N VAL A 355 -5.99 -0.57 15.76
CA VAL A 355 -5.28 -1.68 15.20
C VAL A 355 -5.83 -3.04 15.55
N TYR A 356 -5.95 -3.27 16.84
CA TYR A 356 -6.38 -4.59 17.26
C TYR A 356 -7.79 -4.91 16.78
N SER A 357 -8.68 -3.92 16.84
CA SER A 357 -10.06 -4.10 16.36
C SER A 357 -10.11 -4.28 14.84
N GLU A 358 -9.26 -3.52 14.13
CA GLU A 358 -9.23 -3.64 12.69
C GLU A 358 -8.64 -4.97 12.26
N ALA A 359 -7.59 -5.43 12.94
CA ALA A 359 -7.05 -6.75 12.55
C ALA A 359 -8.14 -7.85 12.72
N ALA A 360 -9.00 -7.71 13.74
CA ALA A 360 -10.08 -8.67 13.93
C ALA A 360 -11.12 -8.59 12.82
N ARG A 361 -11.43 -7.37 12.41
CA ARG A 361 -12.40 -7.20 11.34
C ARG A 361 -11.93 -7.89 10.05
N VAL A 362 -10.63 -7.83 9.74
CA VAL A 362 -10.19 -8.47 8.55
C VAL A 362 -10.45 -9.99 8.64
N LEU A 363 -10.14 -10.55 9.84
CA LEU A 363 -10.32 -11.98 10.01
C LEU A 363 -11.76 -12.37 9.87
N GLN A 364 -12.63 -11.59 10.49
CA GLN A 364 -14.04 -11.86 10.35
C GLN A 364 -14.53 -11.74 8.87
N PHE A 365 -14.08 -10.70 8.14
CA PHE A 365 -14.49 -10.55 6.76
C PHE A 365 -14.13 -11.81 5.96
N LYS A 366 -12.94 -12.31 6.20
CA LYS A 366 -12.51 -13.52 5.50
C LYS A 366 -13.40 -14.70 5.86
N LYS A 367 -13.67 -14.86 7.15
CA LYS A 367 -14.52 -15.95 7.63
C LYS A 367 -15.88 -15.90 6.95
N ILE A 368 -16.47 -14.71 6.93
CA ILE A 368 -17.75 -14.52 6.27
C ILE A 368 -17.69 -14.88 4.77
N CYS A 369 -16.61 -14.44 4.08
CA CYS A 369 -16.55 -14.77 2.69
C CYS A 369 -16.51 -16.29 2.49
N GLU A 370 -15.89 -17.00 3.41
CA GLU A 370 -15.75 -18.43 3.26
C GLU A 370 -17.02 -19.21 3.57
N GLU A 371 -17.70 -18.79 4.62
CA GLU A 371 -18.92 -19.42 5.05
C GLU A 371 -20.09 -19.03 4.19
N ALA A 372 -19.95 -17.83 3.60
CA ALA A 372 -20.95 -17.23 2.72
C ALA A 372 -22.44 -17.33 3.19
N PRO A 373 -22.75 -16.80 4.38
CA PRO A 373 -24.12 -16.85 4.84
C PRO A 373 -25.02 -16.10 3.92
N GLU A 374 -26.26 -16.19 4.23
CA GLU A 374 -27.21 -15.55 3.41
C GLU A 374 -27.07 -14.05 3.39
N ASN A 375 -26.90 -13.48 4.56
CA ASN A 375 -26.85 -12.06 4.71
C ASN A 375 -25.43 -11.59 4.49
N MET A 376 -24.66 -12.40 3.77
CA MET A 376 -23.27 -12.02 3.59
C MET A 376 -22.92 -10.57 3.21
N VAL A 377 -23.52 -10.05 2.12
CA VAL A 377 -23.20 -8.69 1.70
C VAL A 377 -23.41 -7.71 2.81
N GLN A 378 -24.51 -7.89 3.51
CA GLN A 378 -24.84 -7.02 4.63
C GLN A 378 -23.79 -7.07 5.72
N LEU A 379 -23.40 -8.29 6.08
CA LEU A 379 -22.41 -8.42 7.13
C LEU A 379 -21.08 -7.84 6.70
N LEU A 380 -20.66 -8.15 5.48
CA LEU A 380 -19.41 -7.63 4.94
C LEU A 380 -19.43 -6.12 4.91
N GLY A 381 -20.59 -5.59 4.50
CA GLY A 381 -20.76 -4.16 4.47
C GLY A 381 -20.56 -3.52 5.83
N GLU A 382 -21.15 -4.14 6.86
CA GLU A 382 -21.04 -3.59 8.19
C GLU A 382 -19.60 -3.51 8.67
N LEU A 383 -18.85 -4.55 8.33
CA LEU A 383 -17.42 -4.63 8.72
C LEU A 383 -16.66 -3.44 8.06
N MET A 384 -16.97 -3.19 6.80
CA MET A 384 -16.33 -2.05 6.12
C MET A 384 -16.71 -0.72 6.78
N ASN A 385 -18.01 -0.58 7.14
CA ASN A 385 -18.42 0.66 7.73
C ASN A 385 -17.77 0.86 9.10
N GLN A 386 -17.65 -0.25 9.84
CA GLN A 386 -17.01 -0.20 11.12
C GLN A 386 -15.55 0.22 10.96
N SER A 387 -14.93 -0.30 9.89
CA SER A 387 -13.52 0.03 9.58
C SER A 387 -13.41 1.54 9.32
N HIS A 388 -14.27 2.06 8.44
CA HIS A 388 -14.22 3.49 8.17
C HIS A 388 -14.34 4.34 9.45
N MET A 389 -15.34 4.03 10.29
CA MET A 389 -15.50 4.81 11.51
C MET A 389 -14.28 4.71 12.46
N SER A 390 -13.65 3.51 12.55
CA SER A 390 -12.47 3.38 13.39
C SER A 390 -11.35 4.24 12.81
N CYS A 391 -11.18 4.19 11.48
CA CYS A 391 -10.15 5.03 10.84
C CYS A 391 -10.43 6.51 11.07
N ARG A 392 -11.71 6.88 10.87
CA ARG A 392 -12.09 8.27 11.05
C ARG A 392 -11.94 8.78 12.49
N ASP A 393 -12.46 7.99 13.43
CA ASP A 393 -12.53 8.38 14.85
C ASP A 393 -11.39 8.05 15.79
N MET A 394 -10.82 6.86 15.57
CA MET A 394 -9.75 6.35 16.40
C MET A 394 -8.35 6.53 15.76
N TYR A 395 -8.22 6.23 14.48
CA TYR A 395 -6.91 6.42 13.88
C TYR A 395 -6.79 7.83 13.36
N GLU A 396 -7.93 8.51 13.26
CA GLU A 396 -7.91 9.86 12.76
C GLU A 396 -7.09 9.97 11.47
N CYS A 397 -7.52 9.21 10.47
CA CYS A 397 -6.84 9.24 9.18
C CYS A 397 -7.83 9.46 8.05
N SER A 398 -9.01 9.99 8.36
CA SER A 398 -9.94 10.27 7.32
C SER A 398 -9.84 11.77 7.09
N CYS A 399 -10.80 12.33 6.35
CA CYS A 399 -10.87 13.76 6.11
C CYS A 399 -12.32 14.10 5.72
N PRO A 400 -12.67 15.37 5.77
CA PRO A 400 -14.02 15.76 5.47
C PRO A 400 -14.54 15.29 4.16
N GLU A 401 -13.75 15.47 3.14
CA GLU A 401 -14.13 15.04 1.80
C GLU A 401 -14.39 13.54 1.70
N LEU A 402 -13.53 12.77 2.40
CA LEU A 402 -13.70 11.33 2.41
C LEU A 402 -15.01 10.96 3.13
N ASP A 403 -15.20 11.62 4.29
CA ASP A 403 -16.42 11.35 5.07
C ASP A 403 -17.68 11.62 4.29
N GLN A 404 -17.66 12.77 3.59
CA GLN A 404 -18.77 13.15 2.76
C GLN A 404 -19.00 12.20 1.65
N LEU A 405 -17.91 11.75 0.99
CA LEU A 405 -18.09 10.82 -0.11
C LEU A 405 -18.62 9.48 0.38
N VAL A 406 -18.08 9.03 1.51
CA VAL A 406 -18.54 7.79 2.06
C VAL A 406 -20.06 7.90 2.33
N ASP A 407 -20.52 9.03 2.90
CA ASP A 407 -21.96 9.20 3.14
C ASP A 407 -22.83 9.08 1.89
N ILE A 408 -22.37 9.71 0.82
CA ILE A 408 -23.02 9.74 -0.46
C ILE A 408 -23.09 8.33 -1.00
N CYS A 409 -21.98 7.60 -0.92
CA CYS A 409 -21.97 6.22 -1.45
C CYS A 409 -23.04 5.38 -0.79
N ARG A 410 -23.12 5.51 0.51
CA ARG A 410 -24.08 4.77 1.27
C ARG A 410 -25.48 5.18 0.87
N LYS A 411 -25.69 6.47 0.79
CA LYS A 411 -27.00 7.05 0.43
C LYS A 411 -27.53 6.43 -0.85
N PHE A 412 -26.57 6.22 -1.76
CA PHE A 412 -26.84 5.65 -3.04
C PHE A 412 -26.78 4.16 -3.20
N GLY A 413 -26.67 3.41 -2.13
CA GLY A 413 -26.71 2.01 -2.40
C GLY A 413 -25.58 1.17 -1.89
N ALA A 414 -24.47 1.80 -1.53
CA ALA A 414 -23.39 0.97 -1.04
C ALA A 414 -23.75 0.28 0.28
N GLN A 415 -23.56 -1.04 0.34
CA GLN A 415 -23.80 -1.82 1.56
C GLN A 415 -22.64 -1.53 2.56
N GLY A 416 -21.48 -1.25 2.01
CA GLY A 416 -20.30 -0.92 2.79
C GLY A 416 -19.50 0.14 2.04
N SER A 417 -18.92 1.09 2.76
CA SER A 417 -18.12 2.15 2.16
C SER A 417 -17.11 2.71 3.18
N ARG A 418 -15.89 2.88 2.73
CA ARG A 418 -14.84 3.38 3.61
C ARG A 418 -13.68 3.91 2.81
N LEU A 419 -12.82 4.67 3.48
CA LEU A 419 -11.62 5.13 2.80
C LEU A 419 -10.75 3.89 2.57
N THR A 420 -9.81 3.98 1.62
CA THR A 420 -8.90 2.87 1.33
C THR A 420 -7.48 3.43 1.30
N GLY A 421 -6.44 2.61 1.61
CA GLY A 421 -5.10 3.14 1.59
C GLY A 421 -4.88 4.00 2.82
N ALA A 422 -3.84 4.83 2.81
CA ALA A 422 -3.52 5.58 3.99
C ALA A 422 -4.53 6.56 4.51
N GLY A 423 -5.29 7.13 3.62
CA GLY A 423 -6.23 8.10 4.16
C GLY A 423 -5.73 9.55 4.02
N TRP A 424 -6.38 10.45 4.81
CA TRP A 424 -6.15 11.91 4.78
C TRP A 424 -6.44 12.49 3.35
N GLY A 425 -7.33 11.82 2.60
CA GLY A 425 -7.66 12.19 1.24
C GLY A 425 -7.70 10.90 0.41
N GLY A 426 -7.61 11.00 -0.93
CA GLY A 426 -7.57 9.77 -1.71
C GLY A 426 -8.90 9.10 -1.91
N CYS A 427 -8.86 7.80 -2.20
CA CYS A 427 -10.03 7.00 -2.54
C CYS A 427 -10.83 6.34 -1.41
N THR A 428 -12.04 5.99 -1.83
CA THR A 428 -12.97 5.24 -1.03
C THR A 428 -13.22 3.99 -1.84
N VAL A 429 -13.64 2.96 -1.10
CA VAL A 429 -14.00 1.70 -1.70
C VAL A 429 -15.41 1.37 -1.16
N SER A 430 -16.35 1.04 -2.06
CA SER A 430 -17.75 0.71 -1.74
C SER A 430 -18.15 -0.66 -2.26
N MET A 431 -18.94 -1.37 -1.48
CA MET A 431 -19.40 -2.65 -1.93
C MET A 431 -20.87 -2.38 -2.30
N VAL A 432 -21.11 -2.48 -3.60
CA VAL A 432 -22.43 -2.18 -4.14
C VAL A 432 -23.16 -3.40 -4.71
N PRO A 433 -24.39 -3.59 -4.25
CA PRO A 433 -25.20 -4.69 -4.78
C PRO A 433 -25.37 -4.54 -6.28
N ALA A 434 -25.32 -5.65 -6.96
CA ALA A 434 -25.39 -5.63 -8.39
C ALA A 434 -26.55 -4.79 -8.98
N ASP A 435 -27.73 -5.01 -8.48
CA ASP A 435 -28.87 -4.29 -8.97
C ASP A 435 -28.82 -2.76 -8.79
N LYS A 436 -27.98 -2.26 -7.82
CA LYS A 436 -27.89 -0.82 -7.52
C LYS A 436 -26.80 -0.14 -8.31
N LEU A 437 -25.99 -0.96 -8.95
CA LEU A 437 -24.83 -0.53 -9.69
C LEU A 437 -24.93 0.64 -10.66
N PRO A 438 -25.80 0.48 -11.62
CA PRO A 438 -25.99 1.53 -12.61
C PRO A 438 -26.45 2.85 -12.02
N SER A 439 -27.41 2.78 -11.11
CA SER A 439 -27.88 4.01 -10.48
C SER A 439 -26.87 4.64 -9.52
N PHE A 440 -26.10 3.78 -8.80
CA PHE A 440 -25.08 4.26 -7.85
C PHE A 440 -24.09 5.18 -8.58
N LEU A 441 -23.57 4.64 -9.67
CA LEU A 441 -22.63 5.34 -10.49
C LEU A 441 -23.12 6.70 -10.94
N ALA A 442 -24.32 6.75 -11.50
CA ALA A 442 -24.86 8.05 -11.99
C ALA A 442 -25.13 9.02 -10.87
N ASN A 443 -25.73 8.47 -9.80
CA ASN A 443 -26.06 9.30 -8.66
C ASN A 443 -24.83 9.82 -7.94
N VAL A 444 -23.87 8.91 -7.78
CA VAL A 444 -22.70 9.37 -7.06
C VAL A 444 -21.95 10.44 -7.83
N HIS A 445 -21.91 10.21 -9.13
CA HIS A 445 -21.24 11.12 -10.00
C HIS A 445 -21.84 12.47 -9.90
N LYS A 446 -23.15 12.43 -10.07
CA LYS A 446 -23.90 13.67 -10.01
C LYS A 446 -23.74 14.35 -8.67
N ALA A 447 -23.79 13.57 -7.60
CA ALA A 447 -23.71 14.15 -6.29
C ALA A 447 -22.38 14.73 -5.85
N TYR A 448 -21.28 14.10 -6.26
CA TYR A 448 -19.97 14.56 -5.78
C TYR A 448 -19.08 15.13 -6.84
N TYR A 449 -19.28 14.69 -8.04
CA TYR A 449 -18.37 15.17 -9.01
C TYR A 449 -18.78 16.36 -9.86
N GLN A 450 -19.92 17.02 -9.64
CA GLN A 450 -20.30 18.18 -10.45
C GLN A 450 -19.44 19.37 -10.02
N LYS A 460 -15.05 7.79 -15.16
CA LYS A 460 -14.32 6.54 -15.00
C LYS A 460 -12.96 6.85 -14.42
N GLN A 461 -12.67 8.14 -14.28
CA GLN A 461 -11.36 8.54 -13.77
C GLN A 461 -11.26 8.41 -12.23
N SER A 462 -12.20 9.12 -11.58
CA SER A 462 -12.36 9.22 -10.16
C SER A 462 -13.41 8.25 -9.62
N LEU A 463 -14.23 7.71 -10.51
CA LEU A 463 -15.28 6.81 -10.07
C LEU A 463 -15.41 5.66 -11.02
N PHE A 464 -15.12 4.48 -10.52
CA PHE A 464 -15.21 3.37 -11.43
C PHE A 464 -15.33 2.05 -10.70
N ALA A 465 -16.08 1.14 -11.32
CA ALA A 465 -16.26 -0.21 -10.78
C ALA A 465 -14.93 -0.96 -11.01
N THR A 466 -14.59 -1.88 -10.10
CA THR A 466 -13.33 -2.60 -10.22
C THR A 466 -13.56 -4.05 -9.94
N LYS A 467 -12.55 -4.87 -10.12
CA LYS A 467 -12.69 -6.31 -9.84
C LYS A 467 -11.28 -6.80 -9.59
N PRO A 468 -11.10 -7.93 -8.92
CA PRO A 468 -9.76 -8.41 -8.60
C PRO A 468 -8.92 -8.73 -9.83
N GLY A 469 -7.81 -7.99 -9.99
CA GLY A 469 -6.92 -8.16 -11.16
C GLY A 469 -5.70 -9.01 -10.85
N GLY A 470 -4.91 -9.27 -11.89
CA GLY A 470 -3.69 -10.09 -11.71
C GLY A 470 -2.47 -9.24 -11.33
N GLY A 471 -1.38 -9.91 -10.94
CA GLY A 471 -0.15 -9.24 -10.50
C GLY A 471 0.84 -8.79 -11.58
N ALA A 472 2.01 -8.37 -11.06
CA ALA A 472 3.09 -7.89 -11.89
C ALA A 472 3.53 -8.93 -12.92
N LEU A 473 3.90 -8.45 -14.12
CA LEU A 473 4.33 -9.32 -15.20
C LEU A 473 5.37 -8.65 -16.06
N VAL A 474 6.10 -9.54 -16.76
CA VAL A 474 7.07 -9.16 -17.80
C VAL A 474 6.32 -9.36 -19.15
N LEU A 475 6.39 -8.36 -20.04
CA LEU A 475 5.75 -8.40 -21.36
C LEU A 475 6.73 -8.30 -22.53
N LEU A 476 6.52 -9.23 -23.45
CA LEU A 476 7.27 -9.33 -24.70
C LEU A 476 6.30 -9.22 -25.86
N GLU A 477 6.73 -8.55 -26.93
CA GLU A 477 5.84 -8.42 -28.07
C GLU A 477 5.45 -9.73 -28.73
N ALA A 478 4.16 -9.87 -29.00
CA ALA A 478 3.67 -11.04 -29.69
C ALA A 478 4.39 -11.24 -31.04
P1 NG1 B . -0.94 3.83 0.36
OP1 NG1 B . 0.38 4.71 0.02
OP2 NG1 B . -1.27 2.87 -0.85
OP3 NG1 B . -2.23 4.62 0.52
C1 NG1 B . 0.09 3.11 2.70
C2 NG1 B . 1.22 2.02 2.97
C3 NG1 B . 0.69 0.60 3.35
C4 NG1 B . -0.43 0.71 4.41
C5 NG1 B . -1.48 1.77 3.92
C6 NG1 B . -2.59 1.98 4.96
C7 NG1 B . 3.41 2.12 1.92
C8 NG1 B . 4.32 1.79 0.75
N2 NG1 B . 2.07 1.91 1.82
O1 NG1 B . -0.66 2.83 1.62
O3 NG1 B . 1.73 -0.25 3.82
O4 NG1 B . 0.12 1.01 5.71
O5 NG1 B . -0.82 3.05 3.80
O6 NG1 B . -3.22 0.73 5.27
O7 NG1 B . 3.90 2.58 2.97
MG MG C . 2.00 4.93 -1.48
CL CL D . 8.57 14.90 -9.57
NA NA E . 2.73 -14.27 10.61
PB ADP F . -0.24 6.51 -3.50
O1B ADP F . 0.72 5.36 -3.31
O2B ADP F . -0.81 6.55 -4.87
O3B ADP F . -1.40 6.62 -2.42
PA ADP F . 1.96 8.25 -2.79
O1A ADP F . 1.85 9.60 -2.14
O2A ADP F . 2.49 7.19 -1.86
O3A ADP F . 0.58 7.87 -3.41
O5' ADP F . 3.00 8.36 -3.99
C5' ADP F . 2.72 9.31 -5.03
C4' ADP F . 4.03 9.57 -5.78
O4' ADP F . 4.40 8.40 -6.62
C3' ADP F . 3.89 10.70 -6.78
O3' ADP F . 3.98 11.95 -6.09
C2' ADP F . 4.99 10.39 -7.82
O2' ADP F . 6.24 10.88 -7.33
C1' ADP F . 4.98 8.86 -7.85
N9 ADP F . 4.17 8.44 -8.96
C8 ADP F . 2.94 7.85 -8.93
N7 ADP F . 2.45 7.62 -10.14
C5 ADP F . 3.45 8.06 -11.01
C6 ADP F . 3.48 8.04 -12.44
N6 ADP F . 2.60 7.62 -13.23
N1 ADP F . 4.68 8.55 -12.88
C2 ADP F . 5.68 9.01 -12.07
N3 ADP F . 5.65 9.03 -10.77
C4 ADP F . 4.51 8.55 -10.28
#